data_8EOL
#
_entry.id   8EOL
#
_cell.length_a   72.378
_cell.length_b   78.746
_cell.length_c   96.856
_cell.angle_alpha   90.00
_cell.angle_beta   90.00
_cell.angle_gamma   90.00
#
_symmetry.space_group_name_H-M   'P 21 21 21'
#
loop_
_entity.id
_entity.type
_entity.pdbx_description
1 polymer 'GLUCOSAMINE-6-PHOSPHATE DEAMINASE'
2 water water
#
_entity_poly.entity_id   1
_entity_poly.type   'polypeptide(L)'
_entity_poly.pdbx_seq_one_letter_code
;MTTNTIMEQEARTAPQKIAEQLLANDAITESLGSVLREFKPKFVMIVGRGSSDHAGVFAKYLFEIEASIPTFAAAPSVAS
VYGKTLKLAGGLVIVISQSGRSPDILAQARMAKNAGAFCVALVNDETAPIKDIVDVVIPLRAGEEKAVAATKSYLATLSA
LLQVAAKWTQNESLVEAVNSLPQALQAAVDAEPQLRAGSLTDVKNLVVLGRGFGYAVSKEIALKLKEVCAIHAEAFSSAE
FLHGPVTLVEKKLSILDVCIRDESYGSHVEQIANVKQRGANLIHLHQTSADIHPRIAPLALLQRFYIDVAAVAIALGINP
DKPAGLKKVTQTL
;
_entity_poly.pdbx_strand_id   A,B
#
# COMPACT_ATOMS: atom_id res chain seq x y z
N THR A 2 12.12 25.12 -22.78
CA THR A 2 13.10 24.13 -22.31
C THR A 2 13.95 24.71 -21.18
N THR A 3 14.17 23.89 -20.16
CA THR A 3 14.95 24.31 -19.03
C THR A 3 16.45 24.13 -19.24
N ASN A 4 16.84 23.26 -20.18
CA ASN A 4 18.22 22.82 -20.42
C ASN A 4 18.78 22.04 -19.22
N THR A 5 17.92 21.50 -18.36
CA THR A 5 18.38 20.66 -17.25
C THR A 5 18.68 19.25 -17.76
N ILE A 6 19.47 18.51 -16.98
CA ILE A 6 19.66 17.10 -17.27
C ILE A 6 18.34 16.36 -17.11
N MET A 7 17.51 16.76 -16.15
CA MET A 7 16.22 16.10 -15.97
C MET A 7 15.36 16.18 -17.23
N GLU A 8 15.17 17.40 -17.77
CA GLU A 8 14.33 17.55 -18.94
C GLU A 8 14.96 16.90 -20.17
N GLN A 9 16.28 17.08 -20.36
CA GLN A 9 16.97 16.41 -21.45
C GLN A 9 16.73 14.90 -21.39
N GLU A 10 16.87 14.32 -20.20
CA GLU A 10 16.63 12.89 -20.01
C GLU A 10 15.17 12.53 -20.26
N ALA A 11 14.25 13.31 -19.69
CA ALA A 11 12.83 13.04 -19.93
C ALA A 11 12.51 13.07 -21.41
N ARG A 12 13.07 14.02 -22.16
CA ARG A 12 12.78 14.09 -23.59
C ARG A 12 13.37 12.93 -24.37
N THR A 13 14.36 12.22 -23.81
CA THR A 13 14.84 11.06 -24.53
C THR A 13 13.98 9.82 -24.32
N ALA A 14 13.05 9.82 -23.37
CA ALA A 14 12.30 8.60 -23.05
C ALA A 14 11.62 7.96 -24.26
N PRO A 15 11.00 8.71 -25.21
CA PRO A 15 10.34 8.02 -26.33
C PRO A 15 11.30 7.21 -27.19
N GLN A 16 12.51 7.75 -27.42
CA GLN A 16 13.53 7.05 -28.19
C GLN A 16 14.09 5.87 -27.42
N LYS A 17 14.45 6.07 -26.14
CA LYS A 17 15.01 4.95 -25.38
C LYS A 17 13.99 3.82 -25.28
N ILE A 18 12.72 4.16 -25.07
CA ILE A 18 11.72 3.10 -24.92
C ILE A 18 11.43 2.43 -26.26
N ALA A 19 11.44 3.19 -27.36
CA ALA A 19 11.32 2.56 -28.68
C ALA A 19 12.43 1.54 -28.91
N GLU A 20 13.68 1.91 -28.59
CA GLU A 20 14.77 0.95 -28.68
C GLU A 20 14.58 -0.22 -27.73
N GLN A 21 14.08 0.05 -26.52
CA GLN A 21 13.85 -1.02 -25.54
C GLN A 21 12.86 -2.05 -26.06
N LEU A 22 11.70 -1.60 -26.58
CA LEU A 22 10.67 -2.54 -27.00
C LEU A 22 11.17 -3.42 -28.14
N LEU A 23 11.92 -2.82 -29.08
CA LEU A 23 12.48 -3.58 -30.20
C LEU A 23 13.49 -4.60 -29.72
N ALA A 24 14.42 -4.16 -28.87
CA ALA A 24 15.47 -5.06 -28.36
C ALA A 24 14.90 -6.16 -27.46
N ASN A 25 13.79 -5.90 -26.76
CA ASN A 25 13.23 -6.88 -25.82
C ASN A 25 12.10 -7.71 -26.42
N ASP A 26 11.75 -7.46 -27.68
CA ASP A 26 10.63 -8.19 -28.26
C ASP A 26 10.78 -9.69 -28.12
N ALA A 27 11.99 -10.21 -28.43
CA ALA A 27 12.22 -11.66 -28.44
C ALA A 27 12.21 -12.26 -27.03
N ILE A 28 12.90 -11.61 -26.09
CA ILE A 28 12.98 -12.21 -24.75
C ILE A 28 11.61 -12.16 -24.07
N THR A 29 10.82 -11.10 -24.29
CA THR A 29 9.47 -11.05 -23.69
C THR A 29 8.52 -11.98 -24.42
N GLU A 30 8.66 -12.14 -25.74
CA GLU A 30 7.90 -13.18 -26.44
C GLU A 30 8.14 -14.54 -25.80
N SER A 31 9.42 -14.88 -25.59
CA SER A 31 9.77 -16.15 -24.97
C SER A 31 9.24 -16.27 -23.54
N LEU A 32 9.38 -15.20 -22.73
CA LEU A 32 8.83 -15.23 -21.37
C LEU A 32 7.32 -15.46 -21.40
N GLY A 33 6.65 -14.91 -22.41
CA GLY A 33 5.20 -15.05 -22.50
C GLY A 33 4.75 -16.50 -22.65
N SER A 34 5.41 -17.26 -23.52
CA SER A 34 5.01 -18.66 -23.67
C SER A 34 5.43 -19.48 -22.45
N VAL A 35 6.55 -19.14 -21.82
CA VAL A 35 6.88 -19.77 -20.54
C VAL A 35 5.78 -19.49 -19.51
N LEU A 36 5.28 -18.25 -19.43
CA LEU A 36 4.29 -17.94 -18.40
C LEU A 36 2.96 -18.61 -18.70
N ARG A 37 2.58 -18.71 -19.98
CA ARG A 37 1.35 -19.42 -20.33
C ARG A 37 1.44 -20.91 -19.96
N GLU A 38 2.63 -21.51 -20.03
CA GLU A 38 2.74 -22.88 -19.52
C GLU A 38 2.79 -22.88 -18.00
N PHE A 39 3.54 -21.95 -17.41
CA PHE A 39 3.68 -21.94 -15.94
C PHE A 39 2.35 -21.63 -15.25
N LYS A 40 1.54 -20.73 -15.82
CA LYS A 40 0.24 -20.36 -15.26
C LYS A 40 0.34 -19.78 -13.85
N PRO A 41 0.91 -18.58 -13.70
CA PRO A 41 1.06 -17.99 -12.35
C PRO A 41 -0.28 -17.91 -11.62
N LYS A 42 -0.26 -18.29 -10.36
CA LYS A 42 -1.45 -18.15 -9.53
C LYS A 42 -1.61 -16.73 -9.00
N PHE A 43 -0.52 -15.95 -9.01
CA PHE A 43 -0.48 -14.57 -8.51
C PHE A 43 0.85 -13.97 -8.97
N VAL A 44 0.94 -12.65 -8.90
CA VAL A 44 2.15 -11.91 -9.24
C VAL A 44 2.55 -11.09 -8.02
N MET A 45 3.75 -11.30 -7.52
CA MET A 45 4.26 -10.50 -6.42
C MET A 45 5.35 -9.60 -6.93
N ILE A 46 5.25 -8.32 -6.63
CA ILE A 46 6.23 -7.33 -7.07
C ILE A 46 7.20 -7.06 -5.93
N VAL A 47 8.48 -7.24 -6.20
CA VAL A 47 9.57 -6.97 -5.27
C VAL A 47 10.26 -5.69 -5.71
N GLY A 48 10.40 -4.75 -4.78
CA GLY A 48 11.01 -3.46 -5.08
C GLY A 48 11.59 -2.82 -3.84
N HIS A 54 6.40 1.97 -6.37
CA HIS A 54 5.29 2.61 -7.08
C HIS A 54 5.02 1.94 -8.41
N ALA A 55 6.10 1.41 -9.01
CA ALA A 55 5.91 0.55 -10.17
C ALA A 55 5.02 -0.64 -9.84
N GLY A 56 5.00 -1.08 -8.57
CA GLY A 56 4.14 -2.19 -8.17
C GLY A 56 2.65 -1.86 -8.21
N VAL A 57 2.29 -0.65 -7.84
CA VAL A 57 0.89 -0.26 -7.90
C VAL A 57 0.40 -0.25 -9.35
N PHE A 58 1.21 0.28 -10.28
CA PHE A 58 0.86 0.19 -11.69
C PHE A 58 0.77 -1.27 -12.13
N ALA A 59 1.76 -2.10 -11.73
CA ALA A 59 1.72 -3.52 -12.11
C ALA A 59 0.46 -4.20 -11.57
N LYS A 60 -0.01 -3.81 -10.39
CA LYS A 60 -1.22 -4.43 -9.86
C LYS A 60 -2.42 -4.20 -10.80
N TYR A 61 -2.71 -2.94 -11.16
CA TYR A 61 -3.84 -2.71 -12.07
C TYR A 61 -3.60 -3.41 -13.42
N LEU A 62 -2.37 -3.38 -13.92
CA LEU A 62 -2.04 -3.97 -15.22
C LEU A 62 -2.34 -5.46 -15.25
N PHE A 63 -1.76 -6.25 -14.31
CA PHE A 63 -1.92 -7.70 -14.39
C PHE A 63 -3.29 -8.17 -13.91
N GLU A 64 -3.90 -7.47 -12.95
CA GLU A 64 -5.25 -7.86 -12.53
C GLU A 64 -6.28 -7.58 -13.63
N ILE A 65 -6.17 -6.43 -14.29
CA ILE A 65 -7.17 -6.06 -15.29
C ILE A 65 -6.96 -6.84 -16.57
N GLU A 66 -5.70 -6.98 -17.00
CA GLU A 66 -5.39 -7.60 -18.29
C GLU A 66 -5.25 -9.12 -18.19
N ALA A 67 -4.86 -9.66 -17.04
CA ALA A 67 -4.73 -11.10 -16.93
C ALA A 67 -5.65 -11.75 -15.90
N SER A 68 -6.38 -10.97 -15.10
CA SER A 68 -7.21 -11.53 -14.01
C SER A 68 -6.36 -12.32 -13.01
N ILE A 69 -5.10 -11.94 -12.84
CA ILE A 69 -4.22 -12.62 -11.90
C ILE A 69 -4.01 -11.70 -10.70
N PRO A 70 -4.35 -12.13 -9.48
CA PRO A 70 -4.11 -11.29 -8.30
C PRO A 70 -2.65 -10.88 -8.23
N THR A 71 -2.41 -9.57 -8.05
CA THR A 71 -1.08 -8.98 -8.03
C THR A 71 -0.93 -8.05 -6.84
N PHE A 72 0.27 -8.01 -6.26
CA PHE A 72 0.48 -7.28 -5.02
C PHE A 72 1.96 -7.08 -4.80
N ALA A 73 2.28 -6.17 -3.89
CA ALA A 73 3.67 -5.83 -3.56
C ALA A 73 4.13 -6.60 -2.32
N ALA A 74 5.37 -7.08 -2.36
CA ALA A 74 6.01 -7.64 -1.19
C ALA A 74 6.26 -6.55 -0.14
N ALA A 75 6.28 -6.95 1.14
CA ALA A 75 6.72 -6.07 2.21
C ALA A 75 8.17 -6.46 2.52
N PRO A 76 9.16 -5.62 2.18
CA PRO A 76 10.56 -6.06 2.29
C PRO A 76 10.97 -6.56 3.67
N SER A 77 10.42 -6.01 4.75
CA SER A 77 10.90 -6.40 6.06
C SER A 77 10.50 -7.82 6.43
N VAL A 78 9.48 -8.39 5.78
CA VAL A 78 9.10 -9.76 6.11
C VAL A 78 10.26 -10.70 5.79
N ALA A 79 10.92 -10.47 4.65
CA ALA A 79 12.08 -11.26 4.28
C ALA A 79 13.30 -10.82 5.08
N SER A 80 13.61 -9.52 5.11
CA SER A 80 14.93 -9.10 5.60
C SER A 80 15.00 -9.01 7.12
N VAL A 81 13.98 -8.49 7.77
CA VAL A 81 14.01 -8.28 9.22
C VAL A 81 13.41 -9.47 9.98
N TYR A 82 12.22 -9.91 9.56
CA TYR A 82 11.60 -11.04 10.25
C TYR A 82 12.16 -12.36 9.75
N GLY A 83 12.90 -12.35 8.65
CA GLY A 83 13.56 -13.54 8.16
C GLY A 83 12.64 -14.65 7.70
N LYS A 84 11.51 -14.32 7.06
CA LYS A 84 10.52 -15.34 6.72
C LYS A 84 10.50 -15.59 5.22
N THR A 85 10.39 -16.84 4.86
CA THR A 85 10.11 -17.24 3.49
C THR A 85 8.60 -17.44 3.35
N LEU A 86 8.07 -17.02 2.23
CA LEU A 86 6.66 -17.16 1.93
C LEU A 86 6.49 -18.38 1.03
N LYS A 87 5.31 -19.00 1.09
CA LYS A 87 4.96 -20.06 0.14
C LYS A 87 4.54 -19.42 -1.16
N LEU A 88 5.45 -19.42 -2.14
CA LEU A 88 5.28 -18.77 -3.44
C LEU A 88 5.31 -19.74 -4.62
N ALA A 89 5.23 -21.05 -4.35
CA ALA A 89 5.27 -22.02 -5.43
C ALA A 89 4.10 -21.78 -6.37
N GLY A 90 4.38 -21.80 -7.66
CA GLY A 90 3.31 -21.56 -8.61
C GLY A 90 2.99 -20.11 -8.84
N GLY A 91 3.69 -19.18 -8.16
CA GLY A 91 3.50 -17.76 -8.41
C GLY A 91 4.63 -17.19 -9.24
N LEU A 92 4.38 -16.01 -9.81
CA LEU A 92 5.41 -15.24 -10.50
C LEU A 92 5.85 -14.09 -9.59
N VAL A 93 7.16 -13.92 -9.46
CA VAL A 93 7.75 -12.82 -8.71
C VAL A 93 8.49 -11.92 -9.70
N ILE A 94 8.13 -10.64 -9.76
CA ILE A 94 8.85 -9.69 -10.60
C ILE A 94 9.65 -8.79 -9.67
N VAL A 95 10.97 -8.83 -9.83
CA VAL A 95 11.87 -8.02 -9.03
C VAL A 95 12.21 -6.78 -9.83
N ILE A 96 11.85 -5.61 -9.33
CA ILE A 96 12.09 -4.38 -10.09
C ILE A 96 13.18 -3.61 -9.36
N SER A 97 14.34 -3.47 -10.00
CA SER A 97 15.50 -2.84 -9.38
C SER A 97 16.35 -2.20 -10.46
N GLN A 98 16.67 -0.91 -10.32
CA GLN A 98 17.54 -0.27 -11.31
C GLN A 98 18.94 -0.85 -11.28
N SER A 99 19.57 -0.87 -10.10
CA SER A 99 20.96 -1.31 -10.07
C SER A 99 21.09 -2.81 -9.90
N GLY A 100 20.11 -3.47 -9.30
CA GLY A 100 20.14 -4.92 -9.11
C GLY A 100 21.24 -5.41 -8.19
N ARG A 101 21.58 -4.66 -7.15
CA ARG A 101 22.69 -4.99 -6.27
C ARG A 101 22.35 -4.87 -4.79
N SER A 102 21.31 -4.11 -4.42
CA SER A 102 20.98 -3.89 -3.02
C SER A 102 20.81 -5.22 -2.30
N PRO A 103 21.28 -5.35 -1.04
CA PRO A 103 21.18 -6.63 -0.34
C PRO A 103 19.76 -7.08 -0.13
N ASP A 104 18.88 -6.16 0.28
CA ASP A 104 17.49 -6.50 0.52
C ASP A 104 16.80 -7.01 -0.74
N ILE A 105 17.08 -6.38 -1.88
CA ILE A 105 16.52 -6.85 -3.15
C ILE A 105 17.02 -8.26 -3.45
N LEU A 106 18.33 -8.47 -3.34
CA LEU A 106 18.89 -9.80 -3.63
C LEU A 106 18.36 -10.84 -2.66
N ALA A 107 18.22 -10.47 -1.38
CA ALA A 107 17.67 -11.38 -0.39
C ALA A 107 16.23 -11.78 -0.70
N GLN A 108 15.39 -10.80 -1.08
CA GLN A 108 14.01 -11.13 -1.46
C GLN A 108 13.99 -12.03 -2.69
N ALA A 109 14.91 -11.79 -3.63
CA ALA A 109 14.92 -12.60 -4.84
C ALA A 109 15.35 -14.05 -4.56
N ARG A 110 16.35 -14.25 -3.70
CA ARG A 110 16.77 -15.61 -3.38
C ARG A 110 15.65 -16.37 -2.68
N MET A 111 14.99 -15.69 -1.76
CA MET A 111 13.90 -16.31 -1.02
C MET A 111 12.75 -16.65 -1.93
N ALA A 112 12.43 -15.75 -2.88
CA ALA A 112 11.36 -16.03 -3.82
C ALA A 112 11.69 -17.28 -4.63
N LYS A 113 12.95 -17.35 -5.09
CA LYS A 113 13.45 -18.51 -5.82
C LYS A 113 13.43 -19.78 -4.97
N ASN A 114 13.89 -19.68 -3.71
CA ASN A 114 13.90 -20.85 -2.83
C ASN A 114 12.49 -21.29 -2.47
N ALA A 115 11.48 -20.46 -2.68
CA ALA A 115 10.10 -20.84 -2.44
C ALA A 115 9.45 -21.45 -3.67
N GLY A 116 10.18 -21.58 -4.77
CA GLY A 116 9.61 -22.17 -5.94
C GLY A 116 8.84 -21.21 -6.83
N ALA A 117 9.03 -19.90 -6.67
CA ALA A 117 8.44 -18.94 -7.59
C ALA A 117 9.28 -18.89 -8.86
N PHE A 118 8.61 -18.67 -9.99
CA PHE A 118 9.28 -18.22 -11.21
C PHE A 118 9.59 -16.73 -11.07
N CYS A 119 10.83 -16.36 -11.32
CA CYS A 119 11.34 -15.05 -10.93
C CYS A 119 11.84 -14.30 -12.15
N VAL A 120 11.33 -13.08 -12.34
CA VAL A 120 11.75 -12.18 -13.41
C VAL A 120 12.34 -10.92 -12.79
N ALA A 121 13.45 -10.44 -13.35
CA ALA A 121 14.04 -9.18 -12.89
C ALA A 121 13.97 -8.15 -14.01
N LEU A 122 13.44 -6.97 -13.68
CA LEU A 122 13.52 -5.78 -14.54
C LEU A 122 14.66 -4.93 -14.02
N VAL A 123 15.74 -4.82 -14.80
CA VAL A 123 16.97 -4.21 -14.28
C VAL A 123 17.61 -3.37 -15.39
N ASN A 124 18.19 -2.25 -15.00
CA ASN A 124 18.88 -1.44 -16.02
C ASN A 124 20.33 -1.88 -16.25
N ASP A 125 21.02 -2.24 -15.16
CA ASP A 125 22.42 -2.69 -15.17
C ASP A 125 22.47 -4.19 -15.41
N GLU A 126 22.84 -4.59 -16.63
CA GLU A 126 22.90 -6.00 -16.98
C GLU A 126 24.11 -6.71 -16.37
N THR A 127 25.07 -5.98 -15.78
CA THR A 127 26.16 -6.64 -15.06
C THR A 127 25.77 -7.03 -13.63
N ALA A 128 24.58 -6.63 -13.14
CA ALA A 128 24.20 -6.79 -11.72
C ALA A 128 24.02 -8.25 -11.27
N PRO A 129 24.34 -8.55 -10.00
CA PRO A 129 24.22 -9.94 -9.51
C PRO A 129 22.80 -10.48 -9.42
N ILE A 130 21.76 -9.63 -9.51
CA ILE A 130 20.40 -10.16 -9.58
C ILE A 130 20.29 -11.14 -10.73
N LYS A 131 21.10 -10.95 -11.79
CA LYS A 131 21.03 -11.81 -12.96
C LYS A 131 21.36 -13.27 -12.64
N ASP A 132 22.15 -13.54 -11.60
CA ASP A 132 22.53 -14.91 -11.29
C ASP A 132 21.52 -15.60 -10.39
N ILE A 133 20.48 -14.90 -9.95
CA ILE A 133 19.45 -15.45 -9.06
C ILE A 133 18.16 -15.76 -9.82
N VAL A 134 17.72 -14.83 -10.66
CA VAL A 134 16.38 -14.95 -11.24
C VAL A 134 16.37 -15.89 -12.44
N ASP A 135 15.18 -16.28 -12.87
CA ASP A 135 15.06 -17.11 -14.06
C ASP A 135 15.23 -16.29 -15.33
N VAL A 136 14.73 -15.05 -15.35
CA VAL A 136 14.71 -14.23 -16.57
C VAL A 136 15.05 -12.78 -16.21
N VAL A 137 15.91 -12.15 -17.01
CA VAL A 137 16.22 -10.73 -16.87
C VAL A 137 15.64 -9.99 -18.07
N ILE A 138 14.82 -8.99 -17.79
CA ILE A 138 14.34 -8.04 -18.80
C ILE A 138 15.16 -6.75 -18.64
N PRO A 139 16.07 -6.43 -19.55
CA PRO A 139 16.86 -5.20 -19.40
C PRO A 139 16.01 -3.96 -19.69
N LEU A 140 16.12 -2.95 -18.83
CA LEU A 140 15.32 -1.76 -19.03
C LEU A 140 15.83 -0.91 -20.21
N ARG A 141 17.13 -0.93 -20.51
CA ARG A 141 17.70 -0.26 -21.71
C ARG A 141 17.41 1.23 -21.72
N ALA A 142 17.45 1.82 -20.54
CA ALA A 142 17.23 3.24 -20.39
C ALA A 142 18.50 4.07 -20.45
N GLY A 143 19.68 3.42 -20.51
CA GLY A 143 20.91 4.17 -20.47
C GLY A 143 21.14 4.68 -19.06
N GLU A 144 22.06 5.65 -18.95
CA GLU A 144 22.44 6.21 -17.66
C GLU A 144 21.57 7.41 -17.34
N GLU A 145 21.10 7.49 -16.10
CA GLU A 145 20.35 8.64 -15.62
C GLU A 145 21.27 9.48 -14.75
N LYS A 146 21.64 10.65 -15.24
CA LYS A 146 22.49 11.54 -14.46
C LYS A 146 21.69 12.40 -13.49
N ALA A 147 20.41 12.65 -13.76
CA ALA A 147 19.62 13.48 -12.85
C ALA A 147 19.30 12.73 -11.57
N VAL A 148 19.13 13.48 -10.49
CA VAL A 148 18.73 12.85 -9.24
C VAL A 148 17.32 12.28 -9.35
N ALA A 149 16.40 13.03 -9.95
CA ALA A 149 15.04 12.57 -10.14
C ALA A 149 14.96 11.68 -11.38
N ALA A 150 14.51 10.44 -11.18
CA ALA A 150 14.35 9.52 -12.29
C ALA A 150 13.19 9.93 -13.18
N THR A 151 13.38 9.86 -14.49
CA THR A 151 12.29 10.09 -15.40
C THR A 151 12.25 8.92 -16.38
N LYS A 152 13.16 8.93 -17.35
CA LYS A 152 13.17 7.90 -18.39
C LYS A 152 13.25 6.48 -17.80
N SER A 153 13.95 6.31 -16.68
CA SER A 153 14.10 4.97 -16.10
C SER A 153 12.78 4.46 -15.51
N TYR A 154 11.95 5.36 -14.96
CA TYR A 154 10.63 4.94 -14.47
C TYR A 154 9.68 4.61 -15.62
N LEU A 155 9.64 5.47 -16.64
CA LEU A 155 8.82 5.16 -17.81
C LEU A 155 9.27 3.85 -18.43
N ALA A 156 10.58 3.60 -18.43
CA ALA A 156 11.09 2.39 -19.03
C ALA A 156 10.62 1.16 -18.26
N THR A 157 10.48 1.29 -16.95
CA THR A 157 9.95 0.20 -16.13
C THR A 157 8.49 -0.09 -16.49
N LEU A 158 7.69 0.96 -16.66
CA LEU A 158 6.28 0.77 -17.04
C LEU A 158 6.16 0.16 -18.43
N SER A 159 7.04 0.57 -19.36
CA SER A 159 6.98 0.02 -20.71
CA SER A 159 7.00 0.03 -20.71
C SER A 159 7.39 -1.45 -20.72
N ALA A 160 8.40 -1.80 -19.93
CA ALA A 160 8.79 -3.20 -19.81
C ALA A 160 7.67 -4.03 -19.22
N LEU A 161 7.01 -3.52 -18.15
CA LEU A 161 5.84 -4.20 -17.58
C LEU A 161 4.76 -4.38 -18.63
N LEU A 162 4.49 -3.33 -19.41
CA LEU A 162 3.44 -3.41 -20.43
C LEU A 162 3.78 -4.45 -21.50
N GLN A 163 5.04 -4.49 -21.94
CA GLN A 163 5.43 -5.47 -22.95
C GLN A 163 5.42 -6.89 -22.39
N VAL A 164 5.88 -7.08 -21.15
CA VAL A 164 5.75 -8.41 -20.56
C VAL A 164 4.28 -8.85 -20.56
N ALA A 165 3.38 -7.96 -20.13
CA ALA A 165 1.96 -8.28 -20.08
C ALA A 165 1.38 -8.53 -21.46
N ALA A 166 1.77 -7.71 -22.45
CA ALA A 166 1.28 -7.89 -23.81
C ALA A 166 1.70 -9.26 -24.37
N LYS A 167 2.96 -9.64 -24.15
CA LYS A 167 3.46 -10.92 -24.67
C LYS A 167 2.87 -12.11 -23.92
N TRP A 168 2.55 -11.96 -22.64
CA TRP A 168 1.98 -13.07 -21.88
C TRP A 168 0.50 -13.28 -22.19
N THR A 169 -0.31 -12.22 -22.12
CA THR A 169 -1.74 -12.35 -22.37
C THR A 169 -2.04 -12.45 -23.88
N GLN A 170 -1.20 -11.84 -24.70
CA GLN A 170 -1.45 -11.64 -26.13
C GLN A 170 -2.78 -10.93 -26.38
N ASN A 171 -3.27 -10.16 -25.41
CA ASN A 171 -4.45 -9.33 -25.64
C ASN A 171 -4.14 -8.36 -26.76
N GLU A 172 -4.97 -8.41 -27.82
CA GLU A 172 -4.72 -7.61 -29.01
C GLU A 172 -4.70 -6.12 -28.70
N SER A 173 -5.56 -5.65 -27.81
CA SER A 173 -5.54 -4.21 -27.57
C SER A 173 -4.29 -3.81 -26.79
N LEU A 174 -3.77 -4.71 -25.95
CA LEU A 174 -2.53 -4.44 -25.23
C LEU A 174 -1.33 -4.50 -26.18
N VAL A 175 -1.33 -5.46 -27.10
CA VAL A 175 -0.29 -5.47 -28.12
C VAL A 175 -0.35 -4.19 -28.94
N GLU A 176 -1.56 -3.74 -29.27
CA GLU A 176 -1.70 -2.45 -29.95
C GLU A 176 -1.19 -1.31 -29.09
N ALA A 177 -1.50 -1.32 -27.78
CA ALA A 177 -1.02 -0.27 -26.89
C ALA A 177 0.50 -0.21 -26.90
N VAL A 178 1.14 -1.37 -26.74
CA VAL A 178 2.60 -1.41 -26.72
C VAL A 178 3.17 -0.94 -28.06
N ASN A 179 2.58 -1.38 -29.18
CA ASN A 179 3.02 -0.89 -30.49
C ASN A 179 2.92 0.64 -30.61
N SER A 180 1.91 1.25 -30.00
CA SER A 180 1.77 2.70 -30.11
C SER A 180 2.58 3.50 -29.10
N LEU A 181 3.27 2.83 -28.17
CA LEU A 181 3.75 3.52 -26.99
C LEU A 181 4.79 4.59 -27.32
N PRO A 182 5.83 4.33 -28.13
CA PRO A 182 6.81 5.41 -28.36
C PRO A 182 6.24 6.63 -29.05
N GLN A 183 5.43 6.46 -30.08
CA GLN A 183 4.78 7.62 -30.71
C GLN A 183 3.94 8.39 -29.70
N ALA A 184 3.17 7.68 -28.88
CA ALA A 184 2.34 8.38 -27.89
C ALA A 184 3.19 9.17 -26.91
N LEU A 185 4.32 8.61 -26.49
CA LEU A 185 5.17 9.38 -25.60
C LEU A 185 5.72 10.61 -26.31
N GLN A 186 6.11 10.46 -27.58
CA GLN A 186 6.63 11.61 -28.32
C GLN A 186 5.56 12.67 -28.50
N ALA A 187 4.32 12.25 -28.75
CA ALA A 187 3.21 13.22 -28.79
C ALA A 187 3.12 13.95 -27.46
N ALA A 188 3.31 13.24 -26.35
CA ALA A 188 3.25 13.91 -25.05
C ALA A 188 4.41 14.89 -24.89
N VAL A 189 5.60 14.51 -25.36
CA VAL A 189 6.73 15.43 -25.31
C VAL A 189 6.43 16.70 -26.09
N ASP A 190 5.79 16.55 -27.26
CA ASP A 190 5.51 17.69 -28.12
C ASP A 190 4.27 18.47 -27.71
N ALA A 191 3.47 17.97 -26.76
CA ALA A 191 2.23 18.66 -26.41
C ALA A 191 2.55 19.92 -25.62
N GLU A 192 1.51 20.74 -25.40
CA GLU A 192 1.68 21.97 -24.65
C GLU A 192 1.83 21.67 -23.17
N PRO A 193 2.67 22.43 -22.46
CA PRO A 193 2.79 22.25 -21.00
C PRO A 193 1.44 22.32 -20.31
N GLN A 194 1.32 21.51 -19.24
CA GLN A 194 0.12 21.48 -18.43
C GLN A 194 0.40 22.08 -17.06
N LEU A 195 1.26 21.43 -16.27
CA LEU A 195 1.62 21.95 -14.96
C LEU A 195 2.55 23.14 -15.13
N ARG A 196 2.14 24.28 -14.61
CA ARG A 196 2.91 25.51 -14.69
C ARG A 196 3.16 26.01 -13.28
N ALA A 197 4.33 26.64 -13.11
CA ALA A 197 4.74 27.11 -11.79
C ALA A 197 3.70 28.01 -11.15
N GLY A 198 3.01 28.82 -11.96
CA GLY A 198 1.97 29.70 -11.44
C GLY A 198 0.94 28.98 -10.59
N SER A 199 0.61 27.74 -10.93
CA SER A 199 -0.45 27.07 -10.22
C SER A 199 -0.05 26.66 -8.80
N LEU A 200 1.24 26.73 -8.46
CA LEU A 200 1.73 26.23 -7.17
C LEU A 200 2.40 27.32 -6.33
N THR A 201 2.18 28.60 -6.66
CA THR A 201 2.99 29.69 -6.10
C THR A 201 2.96 29.70 -4.57
N ASP A 202 1.79 29.48 -3.97
CA ASP A 202 1.66 29.49 -2.52
C ASP A 202 1.18 28.16 -1.96
N VAL A 203 1.56 27.05 -2.60
CA VAL A 203 1.10 25.72 -2.20
C VAL A 203 2.17 25.04 -1.37
N LYS A 204 1.80 24.62 -0.17
CA LYS A 204 2.67 23.89 0.75
C LYS A 204 2.20 22.45 0.99
N ASN A 205 0.92 22.25 1.29
CA ASN A 205 0.32 20.93 1.35
C ASN A 205 -0.54 20.69 0.11
N LEU A 206 -0.40 19.51 -0.50
CA LEU A 206 -0.97 19.25 -1.81
C LEU A 206 -1.55 17.83 -1.89
N VAL A 207 -2.73 17.70 -2.49
CA VAL A 207 -3.40 16.41 -2.65
C VAL A 207 -3.49 16.09 -4.13
N VAL A 208 -2.96 14.92 -4.50
CA VAL A 208 -2.99 14.42 -5.88
C VAL A 208 -4.03 13.31 -5.93
N LEU A 209 -5.04 13.46 -6.79
CA LEU A 209 -6.13 12.50 -6.84
C LEU A 209 -6.16 11.83 -8.21
N GLY A 210 -6.35 10.51 -8.20
CA GLY A 210 -6.48 9.72 -9.40
C GLY A 210 -7.29 8.49 -9.07
N ARG A 211 -7.57 7.70 -10.09
CA ARG A 211 -8.34 6.49 -9.91
C ARG A 211 -7.76 5.42 -10.81
N GLY A 212 -7.63 4.21 -10.27
CA GLY A 212 -7.10 3.13 -11.07
C GLY A 212 -5.66 3.40 -11.46
N PHE A 213 -5.37 3.27 -12.76
CA PHE A 213 -4.02 3.55 -13.26
C PHE A 213 -3.59 4.96 -12.95
N GLY A 214 -4.53 5.90 -12.98
CA GLY A 214 -4.22 7.26 -12.59
C GLY A 214 -3.84 7.38 -11.14
N TYR A 215 -4.43 6.55 -10.29
CA TYR A 215 -3.97 6.50 -8.91
C TYR A 215 -2.53 6.01 -8.86
N ALA A 216 -2.19 5.01 -9.70
CA ALA A 216 -0.81 4.52 -9.76
C ALA A 216 0.16 5.65 -10.10
N VAL A 217 -0.18 6.46 -11.12
CA VAL A 217 0.75 7.51 -11.51
C VAL A 217 0.68 8.71 -10.58
N SER A 218 -0.42 8.88 -9.84
CA SER A 218 -0.50 9.94 -8.84
C SER A 218 0.56 9.80 -7.75
N LYS A 219 0.87 8.57 -7.34
CA LYS A 219 1.87 8.40 -6.30
C LYS A 219 3.24 8.84 -6.82
N GLU A 220 3.56 8.49 -8.06
CA GLU A 220 4.82 8.95 -8.66
C GLU A 220 4.85 10.46 -8.76
N ILE A 221 3.71 11.07 -9.12
CA ILE A 221 3.65 12.52 -9.22
C ILE A 221 3.82 13.15 -7.84
N ALA A 222 3.12 12.64 -6.83
CA ALA A 222 3.31 13.16 -5.47
C ALA A 222 4.76 13.03 -5.03
N LEU A 223 5.40 11.87 -5.32
CA LEU A 223 6.79 11.71 -4.92
C LEU A 223 7.68 12.74 -5.60
N LYS A 224 7.51 12.92 -6.90
CA LYS A 224 8.34 13.85 -7.64
C LYS A 224 8.12 15.29 -7.18
N LEU A 225 6.89 15.65 -6.77
CA LEU A 225 6.70 17.01 -6.24
C LEU A 225 7.42 17.19 -4.90
N LYS A 226 7.46 16.15 -4.06
CA LYS A 226 8.27 16.22 -2.85
C LYS A 226 9.73 16.33 -3.17
N GLU A 227 10.23 15.41 -4.00
CA GLU A 227 11.67 15.28 -4.22
C GLU A 227 12.24 16.47 -4.98
N VAL A 228 11.48 17.02 -5.94
CA VAL A 228 11.99 18.04 -6.85
C VAL A 228 11.56 19.47 -6.48
N CYS A 229 10.36 19.63 -5.91
CA CYS A 229 9.79 20.95 -5.64
C CYS A 229 9.58 21.27 -4.17
N ALA A 230 10.03 20.41 -3.25
CA ALA A 230 9.90 20.62 -1.81
C ALA A 230 8.48 20.98 -1.38
N ILE A 231 7.48 20.27 -1.93
CA ILE A 231 6.08 20.46 -1.56
C ILE A 231 5.56 19.17 -0.96
N HIS A 232 4.94 19.26 0.23
CA HIS A 232 4.36 18.09 0.87
C HIS A 232 3.17 17.64 0.04
N ALA A 233 3.36 16.57 -0.74
CA ALA A 233 2.32 16.06 -1.62
C ALA A 233 1.97 14.65 -1.19
N GLU A 234 0.69 14.32 -1.27
CA GLU A 234 0.21 12.99 -0.90
C GLU A 234 -0.84 12.58 -1.93
N ALA A 235 -0.81 11.32 -2.31
CA ALA A 235 -1.66 10.79 -3.36
C ALA A 235 -2.81 9.98 -2.77
N PHE A 236 -4.01 10.17 -3.30
CA PHE A 236 -5.16 9.38 -2.85
C PHE A 236 -6.03 8.96 -4.04
N SER A 237 -6.73 7.86 -3.85
CA SER A 237 -7.79 7.50 -4.79
C SER A 237 -8.91 8.51 -4.65
N SER A 238 -9.42 8.97 -5.80
CA SER A 238 -10.48 9.97 -5.78
C SER A 238 -11.78 9.43 -5.20
N ALA A 239 -11.99 8.12 -5.26
CA ALA A 239 -13.19 7.53 -4.68
C ALA A 239 -13.20 7.68 -3.17
N GLU A 240 -12.05 7.39 -2.54
CA GLU A 240 -11.93 7.32 -1.09
C GLU A 240 -11.93 8.69 -0.44
N PHE A 241 -11.41 9.70 -1.13
CA PHE A 241 -11.27 11.06 -0.58
C PHE A 241 -12.60 11.73 -0.26
N SER A 254 -4.34 23.40 -3.70
CA SER A 254 -4.83 22.33 -2.83
C SER A 254 -4.97 20.91 -3.49
N ILE A 255 -5.57 20.75 -4.68
CA ILE A 255 -5.83 19.43 -5.26
C ILE A 255 -5.30 19.34 -6.69
N LEU A 256 -4.49 18.31 -6.97
CA LEU A 256 -3.98 18.02 -8.31
C LEU A 256 -4.72 16.82 -8.91
N ASP A 257 -5.49 17.08 -9.96
CA ASP A 257 -6.34 16.08 -10.61
C ASP A 257 -5.54 15.36 -11.71
N VAL A 258 -5.33 14.06 -11.52
CA VAL A 258 -4.72 13.21 -12.55
C VAL A 258 -5.89 12.55 -13.29
N CYS A 259 -6.16 13.01 -14.49
CA CYS A 259 -7.32 12.57 -15.23
C CYS A 259 -6.87 11.64 -16.34
N ILE A 260 -7.41 10.42 -16.38
CA ILE A 260 -7.11 9.45 -17.42
C ILE A 260 -8.40 9.12 -18.16
N ARG A 261 -8.35 9.06 -19.50
CA ARG A 261 -9.53 8.67 -20.28
C ARG A 261 -9.57 7.15 -20.44
N ASP A 262 -9.78 6.46 -19.33
CA ASP A 262 -10.04 5.04 -19.44
C ASP A 262 -11.36 4.75 -18.72
N GLU A 263 -11.55 3.49 -18.33
CA GLU A 263 -12.80 3.09 -17.69
C GLU A 263 -13.07 3.89 -16.43
N SER A 264 -12.03 4.43 -15.78
CA SER A 264 -12.24 5.18 -14.54
C SER A 264 -12.69 6.60 -14.79
N TYR A 265 -12.78 7.03 -16.05
CA TYR A 265 -13.07 8.44 -16.31
C TYR A 265 -14.36 8.85 -15.61
N GLY A 266 -15.43 8.07 -15.83
CA GLY A 266 -16.73 8.45 -15.30
C GLY A 266 -16.75 8.69 -13.80
N SER A 267 -16.32 7.71 -13.01
CA SER A 267 -16.39 7.91 -11.57
C SER A 267 -15.41 8.99 -11.10
N HIS A 268 -14.25 9.13 -11.76
CA HIS A 268 -13.25 10.09 -11.32
C HIS A 268 -13.73 11.53 -11.55
N VAL A 269 -14.22 11.84 -12.76
CA VAL A 269 -14.57 13.24 -13.05
C VAL A 269 -15.74 13.69 -12.20
N GLU A 270 -16.64 12.76 -11.86
CA GLU A 270 -17.73 13.12 -10.95
C GLU A 270 -17.20 13.56 -9.60
N GLN A 271 -16.22 12.85 -9.06
CA GLN A 271 -15.62 13.27 -7.80
C GLN A 271 -14.85 14.60 -7.96
N ILE A 272 -14.08 14.75 -9.04
CA ILE A 272 -13.35 16.00 -9.21
C ILE A 272 -14.33 17.17 -9.35
N ALA A 273 -15.40 16.97 -10.13
CA ALA A 273 -16.37 18.04 -10.34
C ALA A 273 -16.98 18.51 -9.02
N ASN A 274 -17.27 17.57 -8.13
CA ASN A 274 -17.94 17.95 -6.90
C ASN A 274 -17.00 18.60 -5.90
N VAL A 275 -15.72 18.22 -5.89
CA VAL A 275 -14.85 18.93 -4.96
C VAL A 275 -14.53 20.32 -5.50
N LYS A 276 -14.51 20.50 -6.82
CA LYS A 276 -14.38 21.85 -7.38
C LYS A 276 -15.62 22.69 -7.07
N GLN A 277 -16.80 22.08 -7.15
CA GLN A 277 -18.06 22.71 -6.74
C GLN A 277 -18.02 23.18 -5.29
N ARG A 278 -17.52 22.33 -4.40
CA ARG A 278 -17.44 22.66 -2.99
C ARG A 278 -16.34 23.69 -2.70
N GLY A 279 -15.45 24.00 -3.65
CA GLY A 279 -14.54 25.12 -3.48
C GLY A 279 -13.05 24.83 -3.42
N ALA A 280 -12.63 23.65 -3.84
CA ALA A 280 -11.22 23.28 -3.80
C ALA A 280 -10.43 23.96 -4.90
N ASN A 281 -9.15 24.23 -4.63
CA ASN A 281 -8.25 24.82 -5.63
C ASN A 281 -7.68 23.71 -6.52
N LEU A 282 -7.99 23.76 -7.82
CA LEU A 282 -7.76 22.63 -8.73
C LEU A 282 -6.72 22.93 -9.79
N ILE A 283 -5.76 22.00 -9.95
CA ILE A 283 -4.84 21.99 -11.08
C ILE A 283 -5.08 20.68 -11.82
N HIS A 284 -5.21 20.78 -13.15
CA HIS A 284 -5.65 19.67 -13.98
C HIS A 284 -4.52 19.17 -14.87
N LEU A 285 -4.18 17.90 -14.70
CA LEU A 285 -3.29 17.19 -15.60
C LEU A 285 -4.11 16.22 -16.43
N HIS A 286 -3.62 15.90 -17.63
CA HIS A 286 -4.28 14.96 -18.53
C HIS A 286 -3.23 14.36 -19.47
N GLN A 287 -3.70 13.42 -20.29
CA GLN A 287 -2.81 12.58 -21.10
C GLN A 287 -2.33 13.24 -22.39
N THR A 288 -2.76 14.49 -22.70
CA THR A 288 -2.36 15.34 -23.84
C THR A 288 -3.10 15.15 -25.17
N SER A 289 -3.81 14.04 -25.35
CA SER A 289 -4.49 13.81 -26.62
C SER A 289 -5.51 12.70 -26.43
N ALA A 290 -6.67 12.86 -27.08
CA ALA A 290 -7.69 11.83 -26.96
C ALA A 290 -7.30 10.54 -27.67
N ASP A 291 -6.44 10.62 -28.68
CA ASP A 291 -6.13 9.45 -29.48
C ASP A 291 -5.07 8.53 -28.85
N ILE A 292 -4.82 8.63 -27.55
CA ILE A 292 -3.80 7.80 -26.93
C ILE A 292 -4.53 6.61 -26.35
N HIS A 293 -3.95 5.44 -26.53
CA HIS A 293 -4.57 4.21 -26.01
C HIS A 293 -4.76 4.36 -24.49
N PRO A 294 -5.92 3.91 -23.94
CA PRO A 294 -6.19 4.12 -22.50
C PRO A 294 -5.12 3.58 -21.54
N ARG A 295 -4.50 2.46 -21.86
CA ARG A 295 -3.44 1.90 -21.04
C ARG A 295 -2.11 2.64 -21.23
N ILE A 296 -1.97 3.40 -22.30
CA ILE A 296 -0.75 4.20 -22.47
C ILE A 296 -0.92 5.59 -21.88
N ALA A 297 -2.16 6.08 -21.81
CA ALA A 297 -2.47 7.41 -21.29
C ALA A 297 -1.79 7.75 -19.97
N PRO A 298 -1.69 6.84 -18.99
CA PRO A 298 -0.99 7.18 -17.74
C PRO A 298 0.49 7.49 -17.96
N LEU A 299 1.17 6.74 -18.83
CA LEU A 299 2.56 7.06 -19.14
C LEU A 299 2.69 8.39 -19.88
N ALA A 300 1.78 8.67 -20.82
CA ALA A 300 1.84 9.93 -21.55
C ALA A 300 1.65 11.10 -20.62
N LEU A 301 0.69 11.00 -19.69
CA LEU A 301 0.52 12.05 -18.71
C LEU A 301 1.78 12.23 -17.88
N LEU A 302 2.39 11.13 -17.44
CA LEU A 302 3.62 11.24 -16.68
C LEU A 302 4.75 11.87 -17.49
N GLN A 303 4.89 11.44 -18.74
CA GLN A 303 5.90 11.99 -19.66
C GLN A 303 5.85 13.50 -19.72
N ARG A 304 4.63 14.03 -19.92
CA ARG A 304 4.37 15.46 -19.92
C ARG A 304 4.75 16.09 -18.57
N PHE A 305 4.33 15.45 -17.48
CA PHE A 305 4.57 16.00 -16.15
C PHE A 305 6.07 16.09 -15.86
N TYR A 306 6.85 15.09 -16.29
CA TYR A 306 8.28 15.06 -16.01
C TYR A 306 9.01 16.27 -16.61
N ILE A 307 8.59 16.68 -17.80
CA ILE A 307 9.16 17.86 -18.42
C ILE A 307 8.66 19.12 -17.72
N ASP A 308 7.37 19.18 -17.38
CA ASP A 308 6.81 20.39 -16.77
C ASP A 308 7.30 20.61 -15.34
N VAL A 309 7.54 19.53 -14.57
CA VAL A 309 7.95 19.72 -13.18
C VAL A 309 9.39 20.24 -13.10
N ALA A 310 10.20 19.96 -14.11
CA ALA A 310 11.53 20.55 -14.20
C ALA A 310 11.44 22.07 -14.29
N ALA A 311 10.56 22.57 -15.16
CA ALA A 311 10.37 24.00 -15.27
C ALA A 311 9.85 24.58 -13.96
N VAL A 312 8.93 23.85 -13.31
CA VAL A 312 8.36 24.37 -12.06
C VAL A 312 9.44 24.52 -11.01
N ALA A 313 10.32 23.53 -10.90
CA ALA A 313 11.35 23.54 -9.86
C ALA A 313 12.26 24.75 -10.02
N ILE A 314 12.65 25.07 -11.25
CA ILE A 314 13.49 26.23 -11.48
C ILE A 314 12.78 27.47 -11.00
N ALA A 315 11.48 27.59 -11.33
CA ALA A 315 10.70 28.76 -10.97
C ALA A 315 10.60 28.96 -9.46
N LEU A 316 10.57 27.87 -8.69
CA LEU A 316 10.58 28.00 -7.24
C LEU A 316 11.99 28.04 -6.66
N GLY A 317 13.01 28.05 -7.51
CA GLY A 317 14.39 28.19 -7.09
C GLY A 317 15.08 26.90 -6.66
N ILE A 318 14.98 25.84 -7.48
CA ILE A 318 15.60 24.54 -7.21
C ILE A 318 16.22 24.01 -8.50
N ASN A 319 17.46 23.51 -8.43
CA ASN A 319 18.09 22.89 -9.61
C ASN A 319 17.76 21.41 -9.67
N PRO A 320 16.92 20.95 -10.62
CA PRO A 320 16.60 19.53 -10.78
C PRO A 320 17.72 18.75 -11.48
N THR B 3 -10.51 12.43 31.03
CA THR B 3 -11.04 13.33 29.99
C THR B 3 -12.58 13.32 29.91
N ASN B 4 -13.21 12.21 30.33
CA ASN B 4 -14.66 12.01 30.27
C ASN B 4 -15.22 12.02 28.85
N THR B 5 -14.40 11.75 27.82
CA THR B 5 -14.97 11.63 26.49
C THR B 5 -15.54 10.23 26.29
N ILE B 6 -16.46 10.11 25.33
CA ILE B 6 -16.94 8.78 24.95
C ILE B 6 -15.77 7.99 24.37
N MET B 7 -14.87 8.67 23.65
CA MET B 7 -13.70 8.01 23.07
C MET B 7 -12.87 7.31 24.13
N GLU B 8 -12.48 8.02 25.19
CA GLU B 8 -11.66 7.39 26.21
C GLU B 8 -12.44 6.31 26.95
N GLN B 9 -13.69 6.61 27.30
CA GLN B 9 -14.57 5.63 27.91
C GLN B 9 -14.65 4.37 27.08
N GLU B 10 -14.84 4.53 25.76
CA GLU B 10 -14.88 3.37 24.89
C GLU B 10 -13.52 2.69 24.84
N ALA B 11 -12.42 3.45 24.77
CA ALA B 11 -11.09 2.84 24.76
C ALA B 11 -10.84 1.98 26.00
N ARG B 12 -11.24 2.47 27.18
CA ARG B 12 -10.93 1.76 28.42
C ARG B 12 -11.70 0.46 28.58
N THR B 13 -12.79 0.25 27.84
CA THR B 13 -13.49 -1.02 27.87
C THR B 13 -12.88 -2.09 26.96
N ALA B 14 -11.95 -1.73 26.07
CA ALA B 14 -11.41 -2.71 25.11
C ALA B 14 -10.79 -3.95 25.76
N PRO B 15 -10.06 -3.86 26.88
CA PRO B 15 -9.54 -5.11 27.48
C PRO B 15 -10.63 -6.11 27.86
N GLN B 16 -11.76 -5.63 28.39
CA GLN B 16 -12.87 -6.50 28.74
C GLN B 16 -13.66 -6.95 27.51
N LYS B 17 -13.96 -6.03 26.58
CA LYS B 17 -14.68 -6.42 25.38
C LYS B 17 -13.90 -7.47 24.60
N ILE B 18 -12.57 -7.33 24.54
CA ILE B 18 -11.76 -8.27 23.77
C ILE B 18 -11.60 -9.59 24.50
N ALA B 19 -11.47 -9.56 25.84
CA ALA B 19 -11.51 -10.82 26.58
C ALA B 19 -12.80 -11.56 26.28
N GLU B 20 -13.93 -10.84 26.32
CA GLU B 20 -15.24 -11.43 25.99
C GLU B 20 -15.29 -11.91 24.55
N GLN B 21 -14.75 -11.13 23.61
CA GLN B 21 -14.75 -11.57 22.20
C GLN B 21 -13.99 -12.89 22.04
N LEU B 22 -12.78 -12.96 22.60
CA LEU B 22 -11.95 -14.16 22.43
C LEU B 22 -12.62 -15.39 23.03
N LEU B 23 -13.23 -15.24 24.20
CA LEU B 23 -13.94 -16.37 24.80
C LEU B 23 -15.11 -16.80 23.93
N ALA B 24 -15.93 -15.83 23.49
CA ALA B 24 -17.11 -16.13 22.68
C ALA B 24 -16.75 -16.64 21.29
N ASN B 25 -15.57 -16.28 20.74
CA ASN B 25 -15.20 -16.67 19.38
C ASN B 25 -14.29 -17.88 19.36
N ASP B 26 -14.00 -18.46 20.53
CA ASP B 26 -13.06 -19.57 20.60
C ASP B 26 -13.48 -20.72 19.69
N ALA B 27 -14.77 -21.07 19.70
CA ALA B 27 -15.24 -22.22 18.94
C ALA B 27 -15.30 -21.91 17.45
N ILE B 28 -15.85 -20.76 17.09
CA ILE B 28 -15.99 -20.48 15.65
C ILE B 28 -14.61 -20.34 15.00
N THR B 29 -13.64 -19.75 15.72
CA THR B 29 -12.31 -19.61 15.15
C THR B 29 -11.55 -20.92 15.14
N GLU B 30 -11.74 -21.74 16.19
CA GLU B 30 -11.20 -23.09 16.21
C GLU B 30 -11.68 -23.90 15.00
N SER B 31 -12.99 -23.90 14.77
CA SER B 31 -13.54 -24.62 13.61
C SER B 31 -13.04 -24.02 12.28
N LEU B 32 -12.99 -22.68 12.18
CA LEU B 32 -12.41 -22.05 10.98
C LEU B 32 -10.95 -22.48 10.76
N GLY B 33 -10.17 -22.61 11.84
CA GLY B 33 -8.79 -23.02 11.70
C GLY B 33 -8.63 -24.41 11.10
N SER B 34 -9.46 -25.35 11.54
CA SER B 34 -9.34 -26.68 10.95
C SER B 34 -9.86 -26.68 9.53
N VAL B 35 -10.86 -25.85 9.23
CA VAL B 35 -11.28 -25.72 7.84
C VAL B 35 -10.14 -25.18 6.98
N LEU B 36 -9.41 -24.14 7.45
CA LEU B 36 -8.32 -23.59 6.65
C LEU B 36 -7.14 -24.55 6.54
N ARG B 37 -6.85 -25.33 7.59
CA ARG B 37 -5.80 -26.34 7.44
C ARG B 37 -6.18 -27.37 6.37
N GLU B 38 -7.47 -27.72 6.25
CA GLU B 38 -7.86 -28.60 5.16
C GLU B 38 -7.83 -27.87 3.82
N PHE B 39 -8.38 -26.64 3.75
CA PHE B 39 -8.44 -25.87 2.50
C PHE B 39 -7.04 -25.49 1.98
N LYS B 40 -6.12 -25.11 2.89
CA LYS B 40 -4.74 -24.71 2.56
C LYS B 40 -4.67 -23.50 1.61
N PRO B 41 -5.03 -22.31 2.10
CA PRO B 41 -5.05 -21.12 1.23
C PRO B 41 -3.70 -20.88 0.55
N LYS B 42 -3.75 -20.58 -0.74
CA LYS B 42 -2.52 -20.21 -1.44
C LYS B 42 -2.14 -18.75 -1.23
N PHE B 43 -3.07 -17.90 -0.79
CA PHE B 43 -2.82 -16.50 -0.53
C PHE B 43 -4.01 -15.98 0.26
N VAL B 44 -3.84 -14.82 0.89
CA VAL B 44 -4.89 -14.14 1.64
C VAL B 44 -5.09 -12.76 1.02
N MET B 45 -6.29 -12.51 0.54
CA MET B 45 -6.64 -11.20 0.01
C MET B 45 -7.60 -10.53 0.98
N ILE B 46 -7.28 -9.32 1.38
CA ILE B 46 -8.10 -8.57 2.31
C ILE B 46 -8.97 -7.56 1.54
N VAL B 47 -10.27 -7.64 1.76
CA VAL B 47 -11.26 -6.71 1.20
C VAL B 47 -11.70 -5.79 2.34
N GLY B 48 -11.62 -4.48 2.11
CA GLY B 48 -11.94 -3.53 3.17
C GLY B 48 -12.44 -2.17 2.69
N ARG B 49 -12.28 -1.17 3.56
CA ARG B 49 -12.86 0.18 3.38
C ARG B 49 -12.68 0.78 1.98
N HIS B 54 -6.49 -0.17 6.89
CA HIS B 54 -5.30 -0.29 7.75
C HIS B 54 -5.18 -1.59 8.57
N ALA B 55 -6.32 -2.15 8.98
CA ALA B 55 -6.31 -3.49 9.55
C ALA B 55 -5.72 -4.50 8.57
N GLY B 56 -5.92 -4.28 7.27
CA GLY B 56 -5.38 -5.14 6.23
C GLY B 56 -3.86 -5.13 6.19
N VAL B 57 -3.25 -3.98 6.48
CA VAL B 57 -1.79 -3.92 6.57
C VAL B 57 -1.29 -4.79 7.74
N PHE B 58 -1.97 -4.71 8.90
CA PHE B 58 -1.61 -5.58 10.02
C PHE B 58 -1.79 -7.05 9.65
N ALA B 59 -2.92 -7.39 9.03
CA ALA B 59 -3.15 -8.75 8.56
C ALA B 59 -2.04 -9.23 7.62
N LYS B 60 -1.50 -8.33 6.79
CA LYS B 60 -0.43 -8.75 5.89
C LYS B 60 0.78 -9.23 6.68
N TYR B 61 1.28 -8.43 7.61
CA TYR B 61 2.41 -8.89 8.40
C TYR B 61 2.06 -10.13 9.22
N LEU B 62 0.83 -10.19 9.75
CA LEU B 62 0.43 -11.31 10.58
C LEU B 62 0.50 -12.64 9.82
N PHE B 63 -0.21 -12.74 8.69
CA PHE B 63 -0.31 -14.04 8.00
C PHE B 63 0.94 -14.37 7.23
N GLU B 64 1.66 -13.36 6.73
CA GLU B 64 2.93 -13.70 6.09
C GLU B 64 3.94 -14.17 7.13
N ILE B 65 3.99 -13.50 8.27
CA ILE B 65 5.04 -13.88 9.22
C ILE B 65 4.66 -15.16 9.95
N GLU B 66 3.40 -15.30 10.35
CA GLU B 66 3.02 -16.45 11.16
C GLU B 66 2.57 -17.66 10.35
N ALA B 67 1.98 -17.43 9.19
CA ALA B 67 1.44 -18.52 8.38
C ALA B 67 2.22 -18.74 7.10
N SER B 68 3.16 -17.86 6.77
CA SER B 68 3.96 -17.94 5.55
C SER B 68 3.11 -17.87 4.29
N ILE B 69 1.94 -17.24 4.36
CA ILE B 69 1.02 -17.16 3.23
C ILE B 69 1.01 -15.74 2.70
N PRO B 70 1.34 -15.50 1.44
CA PRO B 70 1.32 -14.13 0.88
C PRO B 70 -0.04 -13.52 1.08
N THR B 71 -0.05 -12.30 1.61
CA THR B 71 -1.27 -11.58 1.97
C THR B 71 -1.24 -10.17 1.36
N PHE B 72 -2.41 -9.66 0.92
CA PHE B 72 -2.43 -8.37 0.23
C PHE B 72 -3.87 -7.81 0.21
N ALA B 73 -3.98 -6.53 -0.12
CA ALA B 73 -5.28 -5.86 -0.16
C ALA B 73 -5.86 -5.90 -1.57
N ALA B 74 -7.16 -6.14 -1.65
CA ALA B 74 -7.86 -6.08 -2.93
C ALA B 74 -7.86 -4.63 -3.45
N ALA B 75 -7.93 -4.50 -4.78
CA ALA B 75 -8.18 -3.20 -5.43
C ALA B 75 -9.63 -3.19 -5.91
N PRO B 76 -10.54 -2.53 -5.18
CA PRO B 76 -11.98 -2.64 -5.53
C PRO B 76 -12.31 -2.16 -6.94
N SER B 77 -11.61 -1.14 -7.44
CA SER B 77 -11.96 -0.59 -8.73
C SER B 77 -11.66 -1.57 -9.86
N VAL B 78 -10.83 -2.59 -9.63
CA VAL B 78 -10.60 -3.58 -10.68
C VAL B 78 -11.91 -4.22 -11.09
N ALA B 79 -12.75 -4.60 -10.11
CA ALA B 79 -14.06 -5.14 -10.43
C ALA B 79 -15.06 -4.02 -10.78
N SER B 80 -15.18 -3.00 -9.93
CA SER B 80 -16.32 -2.09 -10.04
C SER B 80 -16.17 -1.12 -11.21
N VAL B 81 -14.97 -0.62 -11.46
CA VAL B 81 -14.75 0.32 -12.55
C VAL B 81 -14.29 -0.37 -13.82
N TYR B 82 -13.26 -1.21 -13.70
CA TYR B 82 -12.75 -1.85 -14.89
C TYR B 82 -13.56 -3.08 -15.25
N GLY B 83 -14.44 -3.54 -14.38
CA GLY B 83 -15.32 -4.67 -14.66
C GLY B 83 -14.66 -6.02 -14.83
N LYS B 84 -13.62 -6.32 -14.03
CA LYS B 84 -12.88 -7.56 -14.18
C LYS B 84 -12.99 -8.44 -12.94
N THR B 85 -13.09 -9.75 -13.17
CA THR B 85 -13.06 -10.72 -12.08
CA THR B 85 -13.08 -10.73 -12.10
C THR B 85 -11.68 -11.33 -11.97
N LEU B 86 -11.26 -11.64 -10.74
CA LEU B 86 -9.97 -12.25 -10.50
C LEU B 86 -10.10 -13.75 -10.31
N LYS B 87 -9.05 -14.46 -10.72
CA LYS B 87 -8.92 -15.88 -10.44
C LYS B 87 -8.46 -16.01 -9.00
N LEU B 88 -9.39 -16.36 -8.11
CA LEU B 88 -9.12 -16.47 -6.69
C LEU B 88 -9.26 -17.90 -6.20
N ALA B 89 -9.36 -18.88 -7.10
CA ALA B 89 -9.54 -20.26 -6.67
C ALA B 89 -8.36 -20.71 -5.80
N GLY B 90 -8.67 -21.32 -4.68
CA GLY B 90 -7.64 -21.75 -3.75
C GLY B 90 -7.17 -20.69 -2.80
N GLY B 91 -7.71 -19.45 -2.89
CA GLY B 91 -7.31 -18.40 -1.98
C GLY B 91 -8.33 -18.14 -0.88
N LEU B 92 -7.86 -17.49 0.16
CA LEU B 92 -8.70 -17.06 1.27
C LEU B 92 -8.97 -15.57 1.11
N VAL B 93 -10.22 -15.18 1.22
CA VAL B 93 -10.58 -13.77 1.19
C VAL B 93 -11.18 -13.40 2.53
N ILE B 94 -10.59 -12.41 3.18
CA ILE B 94 -11.07 -11.86 4.44
C ILE B 94 -11.69 -10.50 4.16
N VAL B 95 -12.98 -10.38 4.47
CA VAL B 95 -13.72 -9.14 4.34
C VAL B 95 -13.75 -8.51 5.72
N ILE B 96 -13.17 -7.32 5.83
CA ILE B 96 -13.15 -6.62 7.10
C ILE B 96 -14.06 -5.40 6.92
N SER B 97 -15.18 -5.38 7.66
CA SER B 97 -16.15 -4.28 7.59
C SER B 97 -16.90 -4.18 8.91
N GLN B 98 -16.95 -2.99 9.53
CA GLN B 98 -17.72 -2.87 10.78
C GLN B 98 -19.20 -3.12 10.53
N SER B 99 -19.78 -2.43 9.55
CA SER B 99 -21.20 -2.53 9.27
C SER B 99 -21.54 -3.67 8.33
N GLY B 100 -20.58 -4.11 7.52
CA GLY B 100 -20.85 -5.18 6.57
C GLY B 100 -21.89 -4.79 5.54
N ARG B 101 -21.94 -3.52 5.15
CA ARG B 101 -22.99 -3.01 4.27
C ARG B 101 -22.52 -2.21 3.05
N SER B 102 -21.31 -1.67 3.04
CA SER B 102 -20.88 -0.87 1.90
C SER B 102 -21.02 -1.65 0.60
N PRO B 103 -21.39 -0.99 -0.50
CA PRO B 103 -21.60 -1.72 -1.77
C PRO B 103 -20.36 -2.43 -2.29
N ASP B 104 -19.19 -1.79 -2.20
CA ASP B 104 -17.97 -2.41 -2.69
C ASP B 104 -17.67 -3.73 -1.98
N ILE B 105 -17.86 -3.75 -0.65
CA ILE B 105 -17.60 -4.93 0.17
C ILE B 105 -18.46 -6.11 -0.26
N LEU B 106 -19.76 -5.87 -0.46
CA LEU B 106 -20.65 -6.97 -0.84
C LEU B 106 -20.35 -7.54 -2.22
N ALA B 107 -20.09 -6.67 -3.20
CA ALA B 107 -19.81 -7.15 -4.55
C ALA B 107 -18.52 -7.97 -4.58
N GLN B 108 -17.48 -7.44 -3.92
CA GLN B 108 -16.21 -8.14 -3.84
C GLN B 108 -16.35 -9.49 -3.17
N ALA B 109 -17.20 -9.57 -2.14
CA ALA B 109 -17.46 -10.85 -1.48
C ALA B 109 -18.14 -11.83 -2.42
N ARG B 110 -19.14 -11.35 -3.21
CA ARG B 110 -19.84 -12.23 -4.14
C ARG B 110 -18.91 -12.77 -5.21
N MET B 111 -18.07 -11.91 -5.78
CA MET B 111 -17.15 -12.33 -6.84
C MET B 111 -16.12 -13.30 -6.30
N ALA B 112 -15.61 -13.04 -5.10
CA ALA B 112 -14.64 -13.94 -4.48
C ALA B 112 -15.26 -15.31 -4.28
N LYS B 113 -16.50 -15.32 -3.79
CA LYS B 113 -17.23 -16.58 -3.65
C LYS B 113 -17.41 -17.27 -4.99
N ASN B 114 -17.78 -16.52 -6.02
CA ASN B 114 -17.94 -17.15 -7.33
C ASN B 114 -16.62 -17.62 -7.93
N ALA B 115 -15.48 -17.08 -7.50
CA ALA B 115 -14.21 -17.52 -8.05
C ALA B 115 -13.65 -18.74 -7.33
N GLY B 116 -14.38 -19.30 -6.38
CA GLY B 116 -13.94 -20.47 -5.63
C GLY B 116 -13.06 -20.17 -4.44
N ALA B 117 -12.98 -18.92 -4.00
CA ALA B 117 -12.23 -18.60 -2.79
C ALA B 117 -13.03 -18.91 -1.53
N PHE B 118 -12.33 -19.34 -0.50
CA PHE B 118 -12.94 -19.39 0.82
C PHE B 118 -13.04 -17.97 1.40
N CYS B 119 -14.22 -17.58 1.89
CA CYS B 119 -14.48 -16.20 2.26
C CYS B 119 -14.86 -16.08 3.73
N VAL B 120 -14.16 -15.22 4.47
CA VAL B 120 -14.43 -14.92 5.86
C VAL B 120 -14.79 -13.45 5.99
N ALA B 121 -15.75 -13.13 6.84
CA ALA B 121 -16.07 -11.74 7.16
C ALA B 121 -15.87 -11.49 8.65
N LEU B 122 -15.08 -10.45 8.96
CA LEU B 122 -14.94 -9.90 10.31
C LEU B 122 -15.85 -8.69 10.34
N VAL B 123 -16.94 -8.77 11.07
CA VAL B 123 -17.93 -7.72 11.05
C VAL B 123 -18.47 -7.54 12.45
N ASN B 124 -18.85 -6.29 12.78
CA ASN B 124 -19.44 -6.07 14.09
C ASN B 124 -20.93 -6.38 14.13
N ASP B 125 -21.67 -6.02 13.07
CA ASP B 125 -23.11 -6.27 12.98
C ASP B 125 -23.33 -7.66 12.39
N GLU B 126 -23.71 -8.62 13.24
CA GLU B 126 -23.91 -9.99 12.77
C GLU B 126 -25.17 -10.16 11.92
N THR B 127 -26.05 -9.15 11.86
CA THR B 127 -27.20 -9.18 10.98
C THR B 127 -26.88 -8.72 9.57
N ALA B 128 -25.66 -8.23 9.33
CA ALA B 128 -25.37 -7.60 8.06
C ALA B 128 -25.53 -8.59 6.92
N PRO B 129 -26.00 -8.15 5.75
CA PRO B 129 -26.22 -9.08 4.63
C PRO B 129 -24.95 -9.73 4.12
N ILE B 130 -23.77 -9.22 4.49
CA ILE B 130 -22.52 -9.91 4.18
C ILE B 130 -22.57 -11.36 4.66
N LYS B 131 -23.31 -11.62 5.75
CA LYS B 131 -23.36 -12.96 6.33
C LYS B 131 -23.93 -13.97 5.36
N ASP B 132 -24.73 -13.54 4.39
CA ASP B 132 -25.36 -14.46 3.45
C ASP B 132 -24.48 -14.77 2.25
N ILE B 133 -23.31 -14.14 2.12
CA ILE B 133 -22.38 -14.42 1.03
C ILE B 133 -21.19 -15.26 1.50
N VAL B 134 -20.60 -14.90 2.64
CA VAL B 134 -19.33 -15.52 3.00
C VAL B 134 -19.57 -16.89 3.63
N ASP B 135 -18.50 -17.66 3.69
CA ASP B 135 -18.58 -18.98 4.29
C ASP B 135 -18.62 -18.90 5.81
N VAL B 136 -17.87 -17.98 6.41
CA VAL B 136 -17.75 -17.90 7.87
C VAL B 136 -17.77 -16.45 8.31
N VAL B 137 -18.55 -16.15 9.34
CA VAL B 137 -18.59 -14.83 9.94
C VAL B 137 -17.87 -14.91 11.27
N ILE B 138 -16.89 -14.03 11.45
CA ILE B 138 -16.27 -13.81 12.76
C ILE B 138 -16.85 -12.53 13.35
N PRO B 139 -17.75 -12.62 14.34
CA PRO B 139 -18.30 -11.38 14.95
C PRO B 139 -17.23 -10.69 15.78
N LEU B 140 -17.11 -9.37 15.57
CA LEU B 140 -16.12 -8.58 16.31
C LEU B 140 -16.53 -8.34 17.76
N ARG B 141 -17.83 -8.32 18.05
CA ARG B 141 -18.34 -8.27 19.43
C ARG B 141 -17.77 -7.07 20.20
N ALA B 142 -17.60 -5.96 19.50
CA ALA B 142 -17.14 -4.74 20.15
C ALA B 142 -18.29 -3.94 20.72
N GLY B 143 -19.53 -4.37 20.46
CA GLY B 143 -20.68 -3.61 20.90
C GLY B 143 -20.80 -2.36 20.06
N GLU B 144 -21.58 -1.42 20.57
CA GLU B 144 -21.80 -0.19 19.84
C GLU B 144 -20.71 0.81 20.22
N GLU B 145 -20.20 1.49 19.20
CA GLU B 145 -19.26 2.58 19.38
C GLU B 145 -20.04 3.88 19.20
N LYS B 146 -20.25 4.60 20.29
CA LYS B 146 -20.95 5.87 20.19
C LYS B 146 -20.02 7.01 19.78
N ALA B 147 -18.71 6.87 20.02
CA ALA B 147 -17.74 7.90 19.66
C ALA B 147 -17.57 7.98 18.16
N VAL B 148 -17.17 9.16 17.69
CA VAL B 148 -16.86 9.32 16.27
C VAL B 148 -15.58 8.59 15.93
N ALA B 149 -14.55 8.72 16.77
CA ALA B 149 -13.27 8.05 16.57
C ALA B 149 -13.33 6.62 17.09
N ALA B 150 -13.08 5.64 16.23
CA ALA B 150 -13.07 4.24 16.64
C ALA B 150 -11.83 3.93 17.47
N THR B 151 -12.01 3.17 18.55
CA THR B 151 -10.88 2.70 19.35
C THR B 151 -11.03 1.19 19.59
N LYS B 152 -11.96 0.81 20.46
CA LYS B 152 -12.17 -0.60 20.78
C LYS B 152 -12.51 -1.41 19.54
N SER B 153 -13.24 -0.81 18.60
CA SER B 153 -13.64 -1.58 17.43
C SER B 153 -12.43 -1.91 16.56
N TYR B 154 -11.43 -1.01 16.51
CA TYR B 154 -10.20 -1.32 15.77
C TYR B 154 -9.37 -2.38 16.48
N LEU B 155 -9.19 -2.21 17.78
CA LEU B 155 -8.51 -3.23 18.57
C LEU B 155 -9.23 -4.56 18.43
N ALA B 156 -10.57 -4.54 18.40
CA ALA B 156 -11.33 -5.77 18.26
C ALA B 156 -11.09 -6.44 16.90
N THR B 157 -10.90 -5.64 15.85
CA THR B 157 -10.55 -6.19 14.53
C THR B 157 -9.20 -6.89 14.57
N LEU B 158 -8.20 -6.27 15.20
CA LEU B 158 -6.89 -6.88 15.30
C LEU B 158 -6.92 -8.14 16.15
N SER B 159 -7.70 -8.13 17.24
CA SER B 159 -7.71 -9.30 18.11
C SER B 159 -8.37 -10.49 17.42
N ALA B 160 -9.46 -10.24 16.65
CA ALA B 160 -10.04 -11.29 15.81
C ALA B 160 -9.04 -11.82 14.77
N LEU B 161 -8.29 -10.92 14.11
CA LEU B 161 -7.28 -11.40 13.16
C LEU B 161 -6.26 -12.31 13.87
N LEU B 162 -5.79 -11.90 15.04
CA LEU B 162 -4.81 -12.70 15.77
C LEU B 162 -5.39 -14.07 16.17
N GLN B 163 -6.62 -14.08 16.68
CA GLN B 163 -7.21 -15.36 17.10
C GLN B 163 -7.42 -16.26 15.88
N VAL B 164 -7.91 -15.69 14.76
CA VAL B 164 -8.00 -16.49 13.54
C VAL B 164 -6.64 -17.08 13.20
N ALA B 165 -5.59 -16.26 13.30
CA ALA B 165 -4.24 -16.70 12.94
C ALA B 165 -3.74 -17.75 13.92
N ALA B 166 -4.01 -17.54 15.21
CA ALA B 166 -3.61 -18.48 16.24
C ALA B 166 -4.31 -19.82 16.07
N LYS B 167 -5.61 -19.80 15.77
CA LYS B 167 -6.34 -21.06 15.64
C LYS B 167 -5.96 -21.80 14.37
N TRP B 168 -5.63 -21.07 13.31
CA TRP B 168 -5.29 -21.68 12.03
C TRP B 168 -3.88 -22.29 12.04
N THR B 169 -2.88 -21.52 12.45
CA THR B 169 -1.50 -22.00 12.46
C THR B 169 -1.24 -22.93 13.63
N GLN B 170 -1.93 -22.73 14.76
CA GLN B 170 -1.59 -23.43 16.01
C GLN B 170 -0.12 -23.24 16.37
N ASN B 171 0.49 -22.13 15.89
CA ASN B 171 1.81 -21.74 16.39
C ASN B 171 1.72 -21.54 17.90
N GLU B 172 2.60 -22.24 18.61
CA GLU B 172 2.56 -22.23 20.07
C GLU B 172 2.74 -20.83 20.62
N SER B 173 3.75 -20.12 20.15
CA SER B 173 4.00 -18.76 20.61
CA SER B 173 4.00 -18.77 20.63
C SER B 173 2.79 -17.86 20.39
N LEU B 174 2.21 -17.93 19.19
CA LEU B 174 1.02 -17.15 18.83
C LEU B 174 -0.16 -17.50 19.72
N VAL B 175 -0.31 -18.78 20.06
CA VAL B 175 -1.39 -19.17 20.96
C VAL B 175 -1.17 -18.51 22.33
N GLU B 176 0.08 -18.51 22.82
CA GLU B 176 0.38 -17.80 24.06
C GLU B 176 0.13 -16.29 23.92
N ALA B 177 0.46 -15.73 22.76
CA ALA B 177 0.19 -14.32 22.53
C ALA B 177 -1.28 -14.01 22.69
N VAL B 178 -2.14 -14.76 22.01
CA VAL B 178 -3.58 -14.47 22.08
C VAL B 178 -4.11 -14.69 23.50
N ASN B 179 -3.71 -15.79 24.15
CA ASN B 179 -4.14 -16.03 25.54
C ASN B 179 -3.72 -14.89 26.45
N SER B 180 -2.57 -14.27 26.19
CA SER B 180 -2.12 -13.16 27.03
C SER B 180 -2.73 -11.82 26.63
N LEU B 181 -3.59 -11.75 25.59
CA LEU B 181 -3.89 -10.44 25.02
C LEU B 181 -4.67 -9.53 25.97
N PRO B 182 -5.75 -9.95 26.64
CA PRO B 182 -6.48 -8.99 27.51
C PRO B 182 -5.62 -8.44 28.64
N GLN B 183 -4.78 -9.29 29.22
CA GLN B 183 -3.81 -8.86 30.22
C GLN B 183 -2.89 -7.75 29.70
N ALA B 184 -2.32 -7.94 28.50
CA ALA B 184 -1.44 -6.92 27.93
C ALA B 184 -2.19 -5.62 27.69
N LEU B 185 -3.42 -5.71 27.18
CA LEU B 185 -4.25 -4.51 26.99
C LEU B 185 -4.57 -3.87 28.32
N GLN B 186 -4.95 -4.69 29.31
CA GLN B 186 -5.21 -4.13 30.63
C GLN B 186 -3.96 -3.47 31.19
N ALA B 187 -2.79 -4.10 31.01
CA ALA B 187 -1.55 -3.46 31.44
C ALA B 187 -1.32 -2.14 30.72
N ALA B 188 -1.62 -2.09 29.42
CA ALA B 188 -1.36 -0.85 28.70
C ALA B 188 -2.30 0.26 29.16
N VAL B 189 -3.57 -0.06 29.42
CA VAL B 189 -4.48 0.95 29.98
C VAL B 189 -3.96 1.46 31.34
N ASP B 190 -3.44 0.57 32.17
CA ASP B 190 -2.98 1.01 33.49
C ASP B 190 -1.61 1.66 33.48
N ALA B 191 -0.88 1.61 32.37
CA ALA B 191 0.48 2.15 32.32
C ALA B 191 0.48 3.68 32.28
N GLU B 192 1.67 4.27 32.35
CA GLU B 192 1.82 5.72 32.32
C GLU B 192 1.53 6.30 30.93
N PRO B 193 0.90 7.48 30.86
CA PRO B 193 0.73 8.15 29.57
C PRO B 193 2.06 8.39 28.86
N GLN B 194 2.03 8.25 27.54
CA GLN B 194 3.23 8.48 26.72
C GLN B 194 3.06 9.77 25.93
N LEU B 195 2.13 9.79 24.98
CA LEU B 195 1.89 10.98 24.19
C LEU B 195 1.11 12.00 25.02
N ARG B 196 1.68 13.19 25.16
CA ARG B 196 1.06 14.30 25.87
C ARG B 196 1.02 15.52 24.96
N ALA B 197 -0.01 16.34 25.17
CA ALA B 197 -0.20 17.53 24.33
C ALA B 197 1.04 18.43 24.31
N GLY B 198 1.79 18.49 25.43
CA GLY B 198 2.99 19.31 25.45
C GLY B 198 3.95 19.00 24.31
N SER B 199 4.04 17.72 23.92
CA SER B 199 4.99 17.28 22.90
C SER B 199 4.65 17.77 21.49
N LEU B 200 3.48 18.38 21.28
CA LEU B 200 3.03 18.74 19.94
C LEU B 200 2.87 20.26 19.75
N THR B 201 3.45 21.06 20.66
CA THR B 201 3.14 22.49 20.78
C THR B 201 3.39 23.28 19.50
N ASP B 202 4.48 23.01 18.80
CA ASP B 202 4.78 23.73 17.57
C ASP B 202 4.87 22.76 16.39
N VAL B 203 4.06 21.71 16.41
CA VAL B 203 4.06 20.67 15.39
C VAL B 203 2.92 20.92 14.42
N LYS B 204 3.27 21.04 13.14
CA LYS B 204 2.31 21.15 12.07
C LYS B 204 2.33 19.93 11.16
N ASN B 205 3.50 19.55 10.66
CA ASN B 205 3.69 18.32 9.90
C ASN B 205 4.43 17.30 10.75
N LEU B 206 3.97 16.06 10.72
CA LEU B 206 4.48 15.03 11.61
C LEU B 206 4.70 13.73 10.84
N VAL B 207 5.83 13.09 11.09
CA VAL B 207 6.23 11.85 10.44
C VAL B 207 6.15 10.76 11.50
N VAL B 208 5.31 9.76 11.27
CA VAL B 208 5.17 8.63 12.21
C VAL B 208 5.99 7.50 11.63
N LEU B 209 6.98 7.01 12.39
CA LEU B 209 7.92 6.00 11.90
C LEU B 209 7.81 4.69 12.68
N GLY B 210 7.75 3.58 11.93
CA GLY B 210 7.70 2.26 12.53
C GLY B 210 8.31 1.25 11.59
N ARG B 211 8.36 0.00 12.05
CA ARG B 211 8.88 -1.07 11.19
C ARG B 211 8.03 -2.31 11.38
N GLY B 212 7.66 -2.98 10.28
CA GLY B 212 6.89 -4.22 10.40
C GLY B 212 5.51 -3.97 10.98
N PHE B 213 5.15 -4.72 12.03
CA PHE B 213 3.85 -4.52 12.67
C PHE B 213 3.73 -3.09 13.20
N GLY B 214 4.83 -2.54 13.72
CA GLY B 214 4.81 -1.16 14.16
C GLY B 214 4.51 -0.20 13.02
N TYR B 215 4.95 -0.55 11.78
CA TYR B 215 4.53 0.26 10.64
C TYR B 215 3.02 0.13 10.40
N ALA B 216 2.48 -1.09 10.51
CA ALA B 216 1.04 -1.23 10.34
C ALA B 216 0.28 -0.33 11.30
N VAL B 217 0.71 -0.28 12.57
CA VAL B 217 -0.06 0.54 13.52
C VAL B 217 0.28 2.02 13.42
N SER B 218 1.47 2.35 12.90
CA SER B 218 1.78 3.76 12.64
C SER B 218 0.76 4.36 11.69
N LYS B 219 0.25 3.56 10.75
CA LYS B 219 -0.75 4.09 9.84
C LYS B 219 -2.03 4.46 10.57
N GLU B 220 -2.45 3.62 11.52
CA GLU B 220 -3.61 3.94 12.34
C GLU B 220 -3.37 5.18 13.20
N ILE B 221 -2.17 5.29 13.77
CA ILE B 221 -1.83 6.43 14.60
C ILE B 221 -1.84 7.72 13.77
N ALA B 222 -1.26 7.68 12.56
CA ALA B 222 -1.26 8.85 11.68
C ALA B 222 -2.68 9.28 11.34
N LEU B 223 -3.55 8.30 11.04
CA LEU B 223 -4.93 8.62 10.73
C LEU B 223 -5.64 9.28 11.91
N LYS B 224 -5.46 8.72 13.11
CA LYS B 224 -6.11 9.28 14.30
C LYS B 224 -5.59 10.67 14.62
N LEU B 225 -4.29 10.92 14.42
CA LEU B 225 -3.76 12.28 14.65
C LEU B 225 -4.36 13.30 13.69
N LYS B 226 -4.61 12.91 12.43
CA LYS B 226 -5.29 13.79 11.49
C LYS B 226 -6.75 13.96 11.87
N GLU B 227 -7.44 12.85 12.13
CA GLU B 227 -8.89 12.86 12.28
C GLU B 227 -9.34 13.52 13.57
N VAL B 228 -8.59 13.33 14.64
CA VAL B 228 -9.02 13.79 15.96
C VAL B 228 -8.29 15.08 16.35
N CYS B 229 -7.05 15.24 15.90
CA CYS B 229 -6.20 16.35 16.32
C CYS B 229 -5.86 17.35 15.21
N ALA B 230 -6.40 17.18 13.99
CA ALA B 230 -6.15 18.09 12.88
C ALA B 230 -4.65 18.39 12.71
N ILE B 231 -3.84 17.35 12.82
CA ILE B 231 -2.39 17.45 12.64
C ILE B 231 -2.04 16.65 11.41
N HIS B 232 -1.29 17.27 10.49
CA HIS B 232 -0.84 16.59 9.27
C HIS B 232 0.15 15.52 9.67
N ALA B 233 -0.31 14.26 9.72
CA ALA B 233 0.54 13.13 10.09
C ALA B 233 0.57 12.13 8.93
N GLU B 234 1.74 11.57 8.68
CA GLU B 234 1.87 10.56 7.65
C GLU B 234 2.86 9.50 8.16
N ALA B 235 2.55 8.24 7.87
CA ALA B 235 3.31 7.11 8.40
C ALA B 235 4.30 6.58 7.36
N PHE B 236 5.52 6.27 7.81
CA PHE B 236 6.48 5.67 6.90
C PHE B 236 7.19 4.53 7.61
N SER B 237 7.67 3.57 6.81
CA SER B 237 8.63 2.59 7.32
C SER B 237 9.95 3.29 7.58
N SER B 238 10.55 3.03 8.75
CA SER B 238 11.78 3.72 9.15
C SER B 238 12.98 3.35 8.30
N ALA B 239 12.95 2.18 7.63
CA ALA B 239 14.05 1.79 6.74
C ALA B 239 14.15 2.73 5.56
N GLU B 240 13.00 3.08 4.96
CA GLU B 240 12.97 3.86 3.72
C GLU B 240 13.27 5.33 3.97
N PHE B 241 12.96 5.83 5.18
CA PHE B 241 13.10 7.25 5.50
C PHE B 241 14.52 7.83 5.38
N LEU B 253 11.57 19.41 11.61
CA LEU B 253 11.16 18.01 11.45
C LEU B 253 10.78 17.29 12.76
N SER B 254 9.53 16.86 12.85
CA SER B 254 9.00 16.18 14.04
C SER B 254 8.68 14.73 13.69
N ILE B 255 9.12 13.80 14.54
CA ILE B 255 8.98 12.38 14.26
C ILE B 255 8.38 11.68 15.47
N LEU B 256 7.30 10.95 15.22
CA LEU B 256 6.64 10.15 16.23
C LEU B 256 7.16 8.72 16.03
N ASP B 257 7.96 8.25 16.97
CA ASP B 257 8.66 6.97 16.91
C ASP B 257 7.76 5.90 17.51
N VAL B 258 7.31 4.97 16.67
CA VAL B 258 6.55 3.82 17.13
C VAL B 258 7.55 2.70 17.27
N CYS B 259 7.93 2.38 18.52
CA CYS B 259 8.95 1.39 18.80
C CYS B 259 8.30 0.10 19.27
N ILE B 260 8.64 -1.01 18.62
CA ILE B 260 8.18 -2.35 18.97
C ILE B 260 9.37 -3.24 19.23
N ARG B 261 9.36 -3.98 20.36
CA ARG B 261 10.47 -4.89 20.65
C ARG B 261 10.19 -6.29 20.07
N ASP B 262 10.22 -6.35 18.74
CA ASP B 262 10.24 -7.64 18.06
C ASP B 262 11.46 -7.78 17.18
N GLU B 263 11.41 -8.67 16.20
CA GLU B 263 12.57 -8.83 15.32
C GLU B 263 13.01 -7.53 14.65
N SER B 264 12.11 -6.55 14.53
CA SER B 264 12.48 -5.31 13.86
C SER B 264 13.19 -4.32 14.75
N TYR B 265 13.34 -4.62 16.05
CA TYR B 265 13.87 -3.66 17.02
C TYR B 265 15.22 -3.10 16.61
N GLY B 266 16.20 -3.99 16.40
CA GLY B 266 17.56 -3.55 16.13
C GLY B 266 17.63 -2.61 14.95
N SER B 267 17.02 -3.00 13.83
CA SER B 267 17.08 -2.15 12.65
C SER B 267 16.32 -0.85 12.86
N HIS B 268 15.20 -0.89 13.58
CA HIS B 268 14.40 0.33 13.77
C HIS B 268 15.09 1.33 14.69
N VAL B 269 15.64 0.88 15.82
CA VAL B 269 16.20 1.79 16.80
C VAL B 269 17.46 2.45 16.25
N GLU B 270 18.19 1.76 15.36
CA GLU B 270 19.32 2.38 14.71
C GLU B 270 18.87 3.56 13.85
N GLN B 271 17.79 3.39 13.09
CA GLN B 271 17.28 4.49 12.29
C GLN B 271 16.81 5.64 13.18
N ILE B 272 16.14 5.31 14.30
CA ILE B 272 15.69 6.36 15.20
C ILE B 272 16.88 7.13 15.79
N ALA B 273 17.92 6.42 16.21
CA ALA B 273 19.11 7.07 16.77
C ALA B 273 19.77 7.99 15.75
N ASN B 274 19.85 7.55 14.49
CA ASN B 274 20.55 8.37 13.51
C ASN B 274 19.73 9.57 13.09
N VAL B 275 18.41 9.46 13.14
CA VAL B 275 17.60 10.63 12.83
C VAL B 275 17.56 11.59 14.00
N LYS B 276 17.64 11.07 15.24
CA LYS B 276 17.78 11.95 16.40
C LYS B 276 19.12 12.67 16.38
N GLN B 277 20.18 11.94 16.00
CA GLN B 277 21.49 12.55 15.79
C GLN B 277 21.42 13.68 14.76
N ARG B 278 20.78 13.43 13.61
CA ARG B 278 20.69 14.41 12.54
C ARG B 278 19.85 15.63 12.91
N GLY B 279 19.15 15.61 14.04
CA GLY B 279 18.55 16.81 14.59
C GLY B 279 17.04 16.84 14.67
N ALA B 280 16.36 15.71 14.52
CA ALA B 280 14.90 15.68 14.52
C ALA B 280 14.32 15.79 15.93
N ASN B 281 13.11 16.38 16.00
CA ASN B 281 12.33 16.46 17.22
C ASN B 281 11.56 15.14 17.40
N LEU B 282 11.86 14.41 18.47
CA LEU B 282 11.43 13.02 18.63
C LEU B 282 10.42 12.87 19.76
N ILE B 283 9.30 12.21 19.45
CA ILE B 283 8.34 11.77 20.44
C ILE B 283 8.30 10.25 20.37
N HIS B 284 8.36 9.61 21.52
CA HIS B 284 8.58 8.17 21.60
C HIS B 284 7.33 7.49 22.13
N LEU B 285 6.77 6.58 21.34
CA LEU B 285 5.73 5.68 21.82
C LEU B 285 6.33 4.29 21.98
N HIS B 286 5.74 3.51 22.90
CA HIS B 286 6.27 2.17 23.11
C HIS B 286 5.18 1.31 23.72
N GLN B 287 5.50 0.04 23.88
CA GLN B 287 4.50 -0.96 24.26
C GLN B 287 4.22 -1.03 25.75
N THR B 288 4.88 -0.17 26.56
CA THR B 288 4.80 -0.05 28.03
C THR B 288 5.68 -1.11 28.69
N SER B 289 6.23 -0.76 29.88
CA SER B 289 7.28 -1.52 30.59
C SER B 289 6.89 -2.96 30.92
N ALA B 290 5.65 -3.38 30.71
CA ALA B 290 5.26 -4.74 31.09
C ALA B 290 5.92 -5.78 30.19
N ASP B 291 5.81 -7.04 30.61
CA ASP B 291 6.30 -8.18 29.83
C ASP B 291 5.18 -8.55 28.86
N ILE B 292 5.21 -7.97 27.68
CA ILE B 292 4.17 -8.17 26.67
C ILE B 292 4.73 -8.94 25.49
N HIS B 293 3.94 -9.88 24.97
CA HIS B 293 4.37 -10.68 23.83
C HIS B 293 4.70 -9.78 22.64
N PRO B 294 5.79 -10.04 21.90
CA PRO B 294 6.14 -9.16 20.76
C PRO B 294 5.00 -8.99 19.76
N ARG B 295 4.20 -10.04 19.51
CA ARG B 295 3.10 -9.91 18.56
C ARG B 295 1.91 -9.17 19.12
N ILE B 296 1.83 -9.05 20.44
CA ILE B 296 0.77 -8.28 21.08
C ILE B 296 1.21 -6.83 21.32
N ALA B 297 2.52 -6.59 21.43
CA ALA B 297 3.03 -5.24 21.66
C ALA B 297 2.42 -4.18 20.76
N PRO B 298 2.18 -4.42 19.46
CA PRO B 298 1.56 -3.35 18.66
C PRO B 298 0.20 -2.95 19.19
N LEU B 299 -0.63 -3.92 19.58
CA LEU B 299 -1.95 -3.63 20.12
C LEU B 299 -1.85 -2.88 21.45
N ALA B 300 -0.86 -3.26 22.27
CA ALA B 300 -0.66 -2.58 23.56
C ALA B 300 -0.34 -1.10 23.36
N LEU B 301 0.60 -0.81 22.43
CA LEU B 301 0.96 0.57 22.11
C LEU B 301 -0.24 1.36 21.62
N LEU B 302 -1.05 0.77 20.73
CA LEU B 302 -2.26 1.43 20.24
C LEU B 302 -3.26 1.69 21.37
N GLN B 303 -3.50 0.69 22.22
CA GLN B 303 -4.40 0.82 23.36
C GLN B 303 -4.03 2.03 24.20
N ARG B 304 -2.74 2.14 24.53
CA ARG B 304 -2.22 3.30 25.26
C ARG B 304 -2.46 4.59 24.48
N PHE B 305 -2.15 4.57 23.17
CA PHE B 305 -2.27 5.76 22.34
C PHE B 305 -3.70 6.27 22.27
N TYR B 306 -4.67 5.36 22.16
CA TYR B 306 -6.08 5.74 22.08
C TYR B 306 -6.55 6.51 23.32
N ILE B 307 -6.08 6.11 24.51
CA ILE B 307 -6.47 6.86 25.71
C ILE B 307 -5.75 8.20 25.76
N ASP B 308 -4.45 8.19 25.47
CA ASP B 308 -3.68 9.43 25.55
C ASP B 308 -4.09 10.44 24.48
N VAL B 309 -4.50 9.97 23.29
CA VAL B 309 -4.82 10.92 22.23
C VAL B 309 -6.16 11.60 22.49
N ALA B 310 -7.04 10.96 23.25
CA ALA B 310 -8.27 11.65 23.65
C ALA B 310 -7.90 12.91 24.42
N ALA B 311 -6.90 12.80 25.31
CA ALA B 311 -6.44 13.96 26.07
C ALA B 311 -5.83 15.02 25.17
N VAL B 312 -5.02 14.61 24.19
CA VAL B 312 -4.38 15.58 23.31
C VAL B 312 -5.43 16.39 22.56
N ALA B 313 -6.51 15.73 22.14
CA ALA B 313 -7.56 16.43 21.41
C ALA B 313 -8.24 17.48 22.26
N ILE B 314 -8.56 17.14 23.51
CA ILE B 314 -9.18 18.10 24.43
C ILE B 314 -8.25 19.27 24.70
N ALA B 315 -6.97 18.98 24.98
CA ALA B 315 -6.02 20.03 25.29
C ALA B 315 -5.92 21.04 24.15
N LEU B 316 -6.03 20.59 22.91
CA LEU B 316 -6.03 21.49 21.76
C LEU B 316 -7.42 22.02 21.44
N GLY B 317 -8.41 21.71 22.27
CA GLY B 317 -9.73 22.30 22.09
C GLY B 317 -10.58 21.62 21.03
N ILE B 318 -10.62 20.30 21.05
CA ILE B 318 -11.34 19.50 20.07
C ILE B 318 -12.12 18.43 20.81
N ASN B 319 -13.40 18.27 20.46
CA ASN B 319 -14.23 17.20 20.99
C ASN B 319 -14.02 15.98 20.12
N PRO B 320 -13.40 14.90 20.61
CA PRO B 320 -13.19 13.71 19.78
C PRO B 320 -14.47 12.94 19.51
N ASP B 321 -15.62 13.39 20.04
CA ASP B 321 -16.93 12.81 19.80
C ASP B 321 -17.80 13.72 18.92
N LYS B 322 -17.21 14.42 17.96
CA LYS B 322 -17.98 15.36 17.13
C LYS B 322 -17.50 15.39 15.67
#